data_6K2Z
#
_entry.id   6K2Z
#
_cell.length_a   35.813
_cell.length_b   63.354
_cell.length_c   130.879
_cell.angle_alpha   90.000
_cell.angle_beta   90.000
_cell.angle_gamma   90.000
#
_symmetry.space_group_name_H-M   'P 21 21 21'
#
loop_
_entity.id
_entity.type
_entity.pdbx_description
1 polymer 'Placental protein 13-like'
2 branched beta-D-galactopyranose-(1-4)-beta-D-glucopyranose
3 branched beta-D-galactopyranose-(1-4)-alpha-D-glucopyranose
4 water water
#
_entity_poly.entity_id   1
_entity_poly.type   'polypeptide(L)'
_entity_poly.pdbx_seq_one_letter_code
;GSHMSSLPVPYTLPVSLPVGSCVIITGTPILTFVKDPQLEVNFYTGMDEDSDIAFQFRLHFGHPAIMNSCVFGIWRYEEK
CYYLPFEDGKPFELCIYVRHKEYKVMVNGQRIYNFAHRFPPASVKMLQVFRDISLTRVLISD
;
_entity_poly.pdbx_strand_id   A,B
#
loop_
_chem_comp.id
_chem_comp.type
_chem_comp.name
_chem_comp.formula
BGC D-saccharide, beta linking beta-D-glucopyranose 'C6 H12 O6'
GAL D-saccharide, beta linking beta-D-galactopyranose 'C6 H12 O6'
GLC D-saccharide, alpha linking alpha-D-glucopyranose 'C6 H12 O6'
#
# COMPACT_ATOMS: atom_id res chain seq x y z
N SER A 5 18.31 -23.51 -2.29
CA SER A 5 18.08 -22.88 -3.59
C SER A 5 17.83 -21.37 -3.47
N SER A 6 18.56 -20.60 -4.29
CA SER A 6 18.41 -19.16 -4.34
C SER A 6 18.71 -18.71 -5.76
N LEU A 7 17.95 -17.75 -6.26
CA LEU A 7 18.04 -17.44 -7.68
C LEU A 7 18.53 -16.01 -7.91
N PRO A 8 19.16 -15.74 -9.04
CA PRO A 8 19.58 -14.37 -9.33
C PRO A 8 18.39 -13.46 -9.57
N VAL A 9 18.58 -12.17 -9.27
CA VAL A 9 17.57 -11.16 -9.49
C VAL A 9 18.23 -10.00 -10.22
N PRO A 10 17.72 -9.58 -11.39
CA PRO A 10 16.51 -10.06 -12.07
C PRO A 10 16.62 -11.48 -12.59
N TYR A 11 15.48 -12.17 -12.57
CA TYR A 11 15.38 -13.55 -13.03
C TYR A 11 14.54 -13.56 -14.28
N THR A 12 15.07 -14.14 -15.36
CA THR A 12 14.32 -14.26 -16.60
C THR A 12 14.29 -15.72 -17.01
N LEU A 13 13.14 -16.16 -17.50
CA LEU A 13 12.93 -17.58 -17.76
C LEU A 13 11.98 -17.75 -18.93
N PRO A 14 12.38 -18.43 -20.02
CA PRO A 14 11.38 -18.80 -21.02
C PRO A 14 10.31 -19.67 -20.39
N VAL A 15 9.05 -19.44 -20.75
CA VAL A 15 7.94 -20.15 -20.13
C VAL A 15 6.86 -20.40 -21.16
N SER A 16 6.03 -21.38 -20.86
CA SER A 16 4.83 -21.65 -21.60
C SER A 16 3.72 -21.75 -20.56
N LEU A 17 2.66 -21.00 -20.73
CA LEU A 17 1.64 -20.81 -19.69
C LEU A 17 0.25 -21.15 -20.22
N PRO A 18 -0.02 -22.42 -20.51
CA PRO A 18 -1.36 -22.79 -20.94
C PRO A 18 -2.37 -22.77 -19.79
N VAL A 19 -3.65 -22.75 -20.17
CA VAL A 19 -4.72 -22.86 -19.20
C VAL A 19 -4.48 -24.06 -18.31
N GLY A 20 -4.69 -23.89 -17.01
CA GLY A 20 -4.44 -24.92 -16.04
C GLY A 20 -3.09 -24.83 -15.36
N SER A 21 -2.14 -24.11 -15.96
CA SER A 21 -0.85 -23.98 -15.29
C SER A 21 -0.88 -22.86 -14.26
N CYS A 22 0.06 -22.92 -13.32
CA CYS A 22 0.24 -21.81 -12.38
C CYS A 22 1.72 -21.51 -12.24
N VAL A 23 2.01 -20.22 -12.18
CA VAL A 23 3.36 -19.73 -11.96
C VAL A 23 3.51 -19.56 -10.45
N ILE A 24 4.43 -20.29 -9.86
CA ILE A 24 4.69 -20.19 -8.43
C ILE A 24 5.99 -19.44 -8.26
N ILE A 25 5.95 -18.37 -7.48
CA ILE A 25 7.13 -17.58 -7.15
C ILE A 25 7.17 -17.42 -5.64
N THR A 26 8.24 -17.91 -5.01
CA THR A 26 8.45 -17.77 -3.57
C THR A 26 9.73 -17.01 -3.29
N GLY A 27 9.72 -16.19 -2.26
CA GLY A 27 10.91 -15.47 -1.89
C GLY A 27 10.71 -14.73 -0.58
N THR A 28 11.63 -13.82 -0.30
CA THR A 28 11.57 -12.98 0.89
C THR A 28 11.81 -11.53 0.49
N PRO A 29 10.98 -10.59 0.95
CA PRO A 29 11.23 -9.18 0.68
C PRO A 29 12.54 -8.73 1.31
N ILE A 30 13.24 -7.86 0.60
CA ILE A 30 14.43 -7.19 1.09
C ILE A 30 14.01 -5.76 1.38
N LEU A 31 14.02 -5.38 2.66
CA LEU A 31 13.45 -4.11 3.09
C LEU A 31 14.50 -3.08 3.45
N THR A 32 15.77 -3.38 3.23
CA THR A 32 16.85 -2.59 3.81
C THR A 32 17.48 -1.60 2.84
N PHE A 33 17.11 -1.62 1.56
CA PHE A 33 17.80 -0.80 0.57
C PHE A 33 16.95 0.32 -0.01
N VAL A 34 15.66 0.09 -0.25
CA VAL A 34 14.83 1.10 -0.88
C VAL A 34 13.71 1.51 0.07
N LYS A 35 13.17 2.72 -0.16
CA LYS A 35 12.08 3.22 0.67
C LYS A 35 10.76 2.50 0.36
N ASP A 36 10.54 2.12 -0.91
CA ASP A 36 9.29 1.50 -1.34
C ASP A 36 9.58 0.10 -1.90
N PRO A 37 9.97 -0.84 -1.04
CA PRO A 37 10.32 -2.18 -1.54
C PRO A 37 9.13 -2.86 -2.18
N GLN A 38 9.37 -3.47 -3.34
CA GLN A 38 8.28 -4.06 -4.10
C GLN A 38 8.80 -5.27 -4.85
N LEU A 39 7.85 -6.07 -5.33
CA LEU A 39 8.12 -7.20 -6.19
C LEU A 39 7.46 -6.91 -7.52
N GLU A 40 8.17 -7.16 -8.62
CA GLU A 40 7.62 -6.99 -9.97
C GLU A 40 7.82 -8.27 -10.78
N VAL A 41 6.76 -8.67 -11.49
CA VAL A 41 6.71 -9.89 -12.28
C VAL A 41 6.11 -9.52 -13.63
N ASN A 42 6.82 -9.83 -14.72
CA ASN A 42 6.35 -9.46 -16.06
C ASN A 42 6.23 -10.71 -16.92
N PHE A 43 5.11 -10.85 -17.61
CA PHE A 43 4.89 -11.89 -18.62
C PHE A 43 5.07 -11.23 -19.98
N TYR A 44 6.10 -11.64 -20.72
CA TYR A 44 6.40 -11.05 -22.03
C TYR A 44 5.84 -11.91 -23.15
N THR A 45 5.40 -11.26 -24.24
CA THR A 45 4.95 -11.97 -25.44
C THR A 45 6.10 -12.31 -26.38
N GLY A 46 7.34 -12.04 -25.99
CA GLY A 46 8.46 -12.33 -26.85
C GLY A 46 9.72 -12.37 -26.02
N MET A 47 10.85 -12.47 -26.71
CA MET A 47 12.11 -12.72 -26.04
C MET A 47 12.98 -11.48 -25.91
N ASP A 48 12.79 -10.47 -26.76
CA ASP A 48 13.48 -9.20 -26.55
C ASP A 48 12.86 -8.48 -25.36
N GLU A 49 13.64 -7.60 -24.73
CA GLU A 49 13.07 -6.84 -23.63
C GLU A 49 12.45 -5.53 -24.12
N ASP A 50 12.20 -5.40 -25.42
CA ASP A 50 11.27 -4.42 -25.96
C ASP A 50 10.00 -5.07 -26.47
N SER A 51 9.77 -6.35 -26.15
CA SER A 51 8.54 -7.00 -26.60
C SER A 51 7.39 -6.59 -25.67
N ASP A 52 6.16 -6.87 -26.12
CA ASP A 52 4.98 -6.50 -25.35
C ASP A 52 4.93 -7.25 -24.04
N ILE A 53 4.25 -6.66 -23.05
CA ILE A 53 4.06 -7.26 -21.73
C ILE A 53 2.57 -7.57 -21.60
N ALA A 54 2.23 -8.86 -21.63
CA ALA A 54 0.83 -9.25 -21.53
C ALA A 54 0.29 -9.06 -20.12
N PHE A 55 1.15 -9.10 -19.11
CA PHE A 55 0.69 -9.05 -17.72
C PHE A 55 1.88 -8.66 -16.86
N GLN A 56 1.69 -7.58 -16.11
CA GLN A 56 2.65 -7.16 -15.08
C GLN A 56 1.97 -7.17 -13.70
N PHE A 57 2.62 -7.79 -12.73
CA PHE A 57 2.12 -7.78 -11.36
C PHE A 57 3.17 -7.09 -10.51
N ARG A 58 2.77 -6.03 -9.83
CA ARG A 58 3.66 -5.30 -8.95
C ARG A 58 3.04 -5.25 -7.57
N LEU A 59 3.79 -5.65 -6.56
CA LEU A 59 3.29 -5.74 -5.19
C LEU A 59 4.20 -4.93 -4.28
N HIS A 60 3.60 -4.04 -3.48
CA HIS A 60 4.34 -3.23 -2.53
C HIS A 60 4.36 -3.91 -1.18
N PHE A 61 5.55 -4.06 -0.60
CA PHE A 61 5.64 -4.77 0.68
C PHE A 61 5.30 -3.89 1.87
N GLY A 62 5.22 -2.57 1.71
CA GLY A 62 4.86 -1.67 2.79
C GLY A 62 3.41 -1.21 2.69
N HIS A 63 3.01 -0.43 3.69
CA HIS A 63 1.67 0.16 3.70
C HIS A 63 1.75 1.63 3.31
N PRO A 64 1.03 2.06 2.27
CA PRO A 64 1.08 3.47 1.88
C PRO A 64 0.45 4.37 2.93
N ALA A 65 1.12 5.47 3.22
CA ALA A 65 0.63 6.51 4.09
C ALA A 65 0.68 7.82 3.29
N ILE A 66 -0.45 8.49 3.20
CA ILE A 66 -0.61 9.63 2.32
C ILE A 66 -1.00 10.84 3.16
N MET A 67 -0.28 11.94 2.96
CA MET A 67 -0.48 13.17 3.73
C MET A 67 -0.69 14.35 2.79
N ASN A 68 -1.60 15.24 3.15
CA ASN A 68 -1.92 16.37 2.28
C ASN A 68 -2.64 17.43 3.10
N SER A 69 -3.00 18.52 2.43
CA SER A 69 -3.79 19.58 3.01
C SER A 69 -4.84 19.97 1.97
N CYS A 70 -5.92 20.57 2.45
CA CYS A 70 -7.03 20.98 1.61
C CYS A 70 -7.28 22.45 1.91
N VAL A 71 -7.03 23.31 0.92
CA VAL A 71 -7.13 24.75 1.05
C VAL A 71 -8.01 25.25 -0.10
N PHE A 72 -9.03 26.04 0.24
CA PHE A 72 -10.02 26.55 -0.72
C PHE A 72 -10.74 25.41 -1.43
N GLY A 73 -11.01 24.34 -0.70
CA GLY A 73 -11.75 23.20 -1.22
C GLY A 73 -10.95 22.27 -2.08
N ILE A 74 -9.64 22.47 -2.20
CA ILE A 74 -8.81 21.82 -3.21
C ILE A 74 -7.66 21.12 -2.50
N TRP A 75 -7.57 19.79 -2.67
CA TRP A 75 -6.45 19.03 -2.14
C TRP A 75 -5.16 19.46 -2.83
N ARG A 76 -4.08 19.51 -2.05
CA ARG A 76 -2.86 20.16 -2.52
C ARG A 76 -1.81 19.12 -2.88
N TYR A 77 -0.55 19.41 -2.59
CA TYR A 77 0.50 18.49 -2.96
C TYR A 77 0.52 17.32 -1.99
N GLU A 78 0.43 16.11 -2.54
CA GLU A 78 0.39 14.89 -1.77
C GLU A 78 1.78 14.41 -1.40
N GLU A 79 2.00 14.11 -0.12
CA GLU A 79 3.24 13.54 0.38
C GLU A 79 2.98 12.10 0.79
N LYS A 80 3.76 11.17 0.23
CA LYS A 80 3.52 9.75 0.44
C LYS A 80 4.74 9.09 1.02
N CYS A 81 4.52 8.09 1.86
CA CYS A 81 5.59 7.21 2.32
C CYS A 81 5.00 5.83 2.52
N TYR A 82 5.89 4.87 2.77
CA TYR A 82 5.50 3.47 2.94
C TYR A 82 5.88 3.03 4.33
N TYR A 83 4.87 2.70 5.13
CA TYR A 83 5.09 2.22 6.48
C TYR A 83 5.51 0.75 6.43
N LEU A 84 6.69 0.47 6.94
CA LEU A 84 7.24 -0.88 7.02
C LEU A 84 7.25 -1.33 8.47
N PRO A 85 6.28 -2.13 8.91
CA PRO A 85 6.38 -2.75 10.23
C PRO A 85 7.24 -4.01 10.13
N PHE A 86 8.09 -4.21 11.13
CA PHE A 86 9.11 -5.26 11.09
C PHE A 86 10.06 -5.04 9.94
N GLU A 87 11.34 -5.22 10.18
CA GLU A 87 12.30 -5.15 9.09
C GLU A 87 12.72 -6.53 8.64
N ASP A 88 12.11 -7.58 9.18
CA ASP A 88 12.19 -8.90 8.57
C ASP A 88 10.98 -9.05 7.65
N GLY A 89 11.23 -9.12 6.34
CA GLY A 89 10.14 -9.38 5.43
C GLY A 89 9.52 -10.73 5.71
N LYS A 90 8.21 -10.80 5.60
CA LYS A 90 7.54 -12.09 5.66
C LYS A 90 7.77 -12.83 4.36
N PRO A 91 8.27 -14.07 4.38
CA PRO A 91 8.33 -14.86 3.16
C PRO A 91 6.95 -14.98 2.51
N PHE A 92 6.94 -15.08 1.18
CA PHE A 92 5.69 -15.12 0.42
C PHE A 92 5.73 -16.21 -0.64
N GLU A 93 4.54 -16.68 -0.99
CA GLU A 93 4.31 -17.48 -2.19
C GLU A 93 3.36 -16.70 -3.08
N LEU A 94 3.82 -16.36 -4.28
CA LEU A 94 2.96 -15.76 -5.30
C LEU A 94 2.53 -16.88 -6.23
N CYS A 95 1.22 -17.06 -6.40
CA CYS A 95 0.71 -18.04 -7.35
C CYS A 95 -0.13 -17.31 -8.38
N ILE A 96 0.23 -17.46 -9.66
CA ILE A 96 -0.56 -16.90 -10.75
C ILE A 96 -1.10 -18.08 -11.55
N TYR A 97 -2.37 -18.40 -11.33
CA TYR A 97 -3.02 -19.52 -11.98
C TYR A 97 -3.70 -19.05 -13.27
N VAL A 98 -3.49 -19.80 -14.35
CA VAL A 98 -3.96 -19.45 -15.67
C VAL A 98 -5.33 -20.11 -15.89
N ARG A 99 -6.39 -19.32 -15.94
CA ARG A 99 -7.71 -19.78 -16.33
C ARG A 99 -8.00 -19.35 -17.77
N HIS A 100 -9.12 -19.84 -18.30
CA HIS A 100 -9.48 -19.56 -19.69
C HIS A 100 -9.65 -18.07 -19.94
N LYS A 101 -10.29 -17.36 -19.02
CA LYS A 101 -10.56 -15.94 -19.20
C LYS A 101 -9.59 -15.02 -18.48
N GLU A 102 -8.88 -15.50 -17.46
CA GLU A 102 -8.20 -14.60 -16.54
C GLU A 102 -6.97 -15.26 -15.92
N TYR A 103 -6.11 -14.43 -15.35
CA TYR A 103 -5.13 -14.87 -14.37
C TYR A 103 -5.73 -14.72 -12.98
N LYS A 104 -5.72 -15.80 -12.22
CA LYS A 104 -6.15 -15.78 -10.83
C LYS A 104 -4.91 -15.58 -9.94
N VAL A 105 -4.85 -14.45 -9.25
CA VAL A 105 -3.63 -14.06 -8.52
C VAL A 105 -3.82 -14.37 -7.05
N MET A 106 -2.93 -15.21 -6.52
CA MET A 106 -2.92 -15.63 -5.12
C MET A 106 -1.63 -15.18 -4.47
N VAL A 107 -1.73 -14.60 -3.29
CA VAL A 107 -0.56 -14.33 -2.45
C VAL A 107 -0.71 -15.12 -1.16
N ASN A 108 0.27 -15.97 -0.86
CA ASN A 108 0.23 -16.85 0.31
C ASN A 108 -1.07 -17.67 0.34
N GLY A 109 -1.46 -18.17 -0.84
CA GLY A 109 -2.65 -18.98 -0.97
C GLY A 109 -3.97 -18.23 -0.97
N GLN A 110 -3.96 -16.91 -0.89
CA GLN A 110 -5.17 -16.11 -0.79
C GLN A 110 -5.40 -15.35 -2.10
N ARG A 111 -6.53 -15.61 -2.75
CA ARG A 111 -6.84 -14.91 -4.00
C ARG A 111 -7.02 -13.42 -3.73
N ILE A 112 -6.27 -12.59 -4.46
CA ILE A 112 -6.44 -11.15 -4.37
C ILE A 112 -7.03 -10.53 -5.63
N TYR A 113 -6.97 -11.21 -6.77
CA TYR A 113 -7.46 -10.57 -7.99
C TYR A 113 -7.63 -11.58 -9.10
N ASN A 114 -8.49 -11.25 -10.06
CA ASN A 114 -8.62 -11.99 -11.31
C ASN A 114 -8.46 -10.99 -12.44
N PHE A 115 -7.32 -11.05 -13.12
CA PHE A 115 -6.98 -10.13 -14.20
C PHE A 115 -7.43 -10.75 -15.52
N ALA A 116 -8.40 -10.13 -16.18
CA ALA A 116 -8.86 -10.66 -17.47
C ALA A 116 -7.74 -10.58 -18.51
N HIS A 117 -7.60 -11.66 -19.30
CA HIS A 117 -6.57 -11.70 -20.34
C HIS A 117 -6.74 -10.54 -21.31
N ARG A 118 -5.63 -9.89 -21.62
CA ARG A 118 -5.57 -8.91 -22.71
C ARG A 118 -4.83 -9.46 -23.91
N PHE A 119 -4.10 -10.56 -23.75
CA PHE A 119 -3.52 -11.42 -24.77
C PHE A 119 -3.92 -12.85 -24.47
N PRO A 120 -4.01 -13.71 -25.48
CA PRO A 120 -4.15 -15.15 -25.21
C PRO A 120 -2.98 -15.63 -24.37
N PRO A 121 -3.24 -16.44 -23.34
CA PRO A 121 -2.13 -16.93 -22.50
C PRO A 121 -1.08 -17.71 -23.29
N ALA A 122 -1.43 -18.24 -24.46
CA ALA A 122 -0.42 -18.89 -25.31
C ALA A 122 0.54 -17.89 -25.90
N SER A 123 0.23 -16.60 -25.89
CA SER A 123 1.20 -15.68 -26.45
C SER A 123 2.32 -15.32 -25.47
N VAL A 124 2.24 -15.75 -24.20
CA VAL A 124 3.29 -15.44 -23.24
C VAL A 124 4.48 -16.36 -23.50
N LYS A 125 5.65 -15.75 -23.69
CA LYS A 125 6.86 -16.48 -24.03
C LYS A 125 7.95 -16.41 -22.98
N MET A 126 7.91 -15.42 -22.09
CA MET A 126 9.02 -15.19 -21.17
C MET A 126 8.49 -14.55 -19.88
N LEU A 127 9.15 -14.85 -18.79
CA LEU A 127 8.81 -14.33 -17.49
C LEU A 127 10.03 -13.62 -16.91
N GLN A 128 9.79 -12.50 -16.23
CA GLN A 128 10.83 -11.74 -15.57
C GLN A 128 10.36 -11.38 -14.17
N VAL A 129 11.23 -11.60 -13.20
CA VAL A 129 10.97 -11.35 -11.79
C VAL A 129 12.12 -10.48 -11.28
N PHE A 130 11.80 -9.35 -10.64
CA PHE A 130 12.91 -8.54 -10.14
C PHE A 130 12.43 -7.54 -9.09
N ARG A 131 13.36 -6.65 -8.68
CA ARG A 131 13.29 -5.69 -7.59
C ARG A 131 13.62 -6.30 -6.23
N ASP A 132 12.85 -5.99 -5.21
CA ASP A 132 13.36 -5.99 -3.84
C ASP A 132 13.03 -7.30 -3.11
N ILE A 133 13.58 -8.38 -3.63
CA ILE A 133 13.24 -9.72 -3.18
C ILE A 133 14.46 -10.60 -3.22
N SER A 134 14.55 -11.51 -2.28
CA SER A 134 15.44 -12.66 -2.35
C SER A 134 14.61 -13.82 -2.85
N LEU A 135 14.98 -14.35 -4.03
CA LEU A 135 14.17 -15.32 -4.75
C LEU A 135 14.52 -16.74 -4.33
N THR A 136 13.51 -17.51 -3.92
CA THR A 136 13.74 -18.87 -3.48
C THR A 136 13.38 -19.91 -4.54
N ARG A 137 12.18 -19.81 -5.13
CA ARG A 137 11.80 -20.75 -6.18
C ARG A 137 10.95 -20.03 -7.21
N VAL A 138 11.07 -20.47 -8.46
CA VAL A 138 10.20 -20.05 -9.56
C VAL A 138 9.92 -21.29 -10.40
N LEU A 139 8.67 -21.72 -10.44
CA LEU A 139 8.35 -22.92 -11.20
C LEU A 139 6.96 -22.80 -11.78
N ILE A 140 6.73 -23.61 -12.82
CA ILE A 140 5.44 -23.73 -13.48
C ILE A 140 4.85 -25.06 -13.04
N SER A 141 3.76 -25.00 -12.28
CA SER A 141 3.03 -26.16 -11.79
C SER A 141 1.72 -26.36 -12.54
N ASP A 142 1.20 -27.58 -12.43
CA ASP A 142 -0.03 -27.98 -13.13
C ASP A 142 -0.92 -28.84 -12.22
N SER B 5 -14.86 -2.35 23.87
CA SER B 5 -15.65 -1.17 23.52
C SER B 5 -14.94 -0.28 22.50
N SER B 6 -15.72 0.50 21.75
CA SER B 6 -15.16 1.40 20.74
C SER B 6 -15.78 2.77 20.91
N LEU B 7 -14.97 3.81 20.73
CA LEU B 7 -15.49 5.15 20.60
C LEU B 7 -16.23 5.29 19.28
N PRO B 8 -17.12 6.27 19.15
CA PRO B 8 -17.86 6.42 17.89
C PRO B 8 -16.93 6.78 16.74
N VAL B 9 -17.26 6.24 15.56
CA VAL B 9 -16.55 6.53 14.32
C VAL B 9 -17.59 6.98 13.30
N PRO B 10 -17.46 8.16 12.69
CA PRO B 10 -16.39 9.16 12.82
C PRO B 10 -16.30 9.73 14.23
N TYR B 11 -15.08 10.08 14.61
CA TYR B 11 -14.81 10.71 15.89
C TYR B 11 -14.30 12.11 15.62
N THR B 12 -15.03 13.11 16.11
CA THR B 12 -14.64 14.50 15.90
C THR B 12 -14.48 15.19 17.25
N LEU B 13 -13.46 16.03 17.35
CA LEU B 13 -13.03 16.54 18.66
C LEU B 13 -12.39 17.92 18.51
N PRO B 14 -12.92 18.95 19.16
CA PRO B 14 -12.19 20.22 19.24
C PRO B 14 -10.88 20.03 19.96
N VAL B 15 -9.82 20.66 19.47
CA VAL B 15 -8.47 20.42 19.97
C VAL B 15 -7.68 21.72 19.94
N SER B 16 -6.66 21.75 20.77
CA SER B 16 -5.61 22.76 20.71
C SER B 16 -4.29 22.00 20.64
N LEU B 17 -3.45 22.37 19.67
CA LEU B 17 -2.26 21.59 19.33
C LEU B 17 -1.00 22.46 19.44
N PRO B 18 -0.57 22.80 20.65
CA PRO B 18 0.68 23.55 20.76
C PRO B 18 1.89 22.69 20.41
N VAL B 19 2.96 23.37 19.97
CA VAL B 19 4.25 22.69 19.81
C VAL B 19 4.60 21.96 21.09
N GLY B 20 4.92 20.67 20.99
CA GLY B 20 5.22 19.81 22.14
C GLY B 20 4.08 18.85 22.48
N SER B 21 2.91 19.06 21.93
CA SER B 21 1.79 18.13 22.19
C SER B 21 1.84 16.93 21.21
N CYS B 22 1.21 15.83 21.56
CA CYS B 22 1.08 14.69 20.62
C CYS B 22 -0.38 14.30 20.52
N VAL B 23 -0.78 13.97 19.31
CA VAL B 23 -2.13 13.44 19.08
C VAL B 23 -1.96 11.91 19.12
N ILE B 24 -2.51 11.28 20.13
CA ILE B 24 -2.40 9.83 20.26
C ILE B 24 -3.72 9.21 19.83
N ILE B 25 -3.65 8.28 18.89
CA ILE B 25 -4.83 7.56 18.42
C ILE B 25 -4.50 6.08 18.43
N THR B 26 -5.28 5.29 19.18
CA THR B 26 -5.12 3.85 19.17
C THR B 26 -6.43 3.21 18.73
N GLY B 27 -6.30 2.05 18.10
CA GLY B 27 -7.46 1.29 17.72
C GLY B 27 -7.03 0.07 16.95
N THR B 28 -8.03 -0.62 16.41
CA THR B 28 -7.79 -1.85 15.67
C THR B 28 -8.41 -1.70 14.28
N PRO B 29 -7.68 -2.09 13.23
CA PRO B 29 -8.23 -2.00 11.88
C PRO B 29 -9.35 -3.01 11.68
N ILE B 30 -10.29 -2.63 10.83
CA ILE B 30 -11.41 -3.46 10.45
C ILE B 30 -11.19 -3.81 8.98
N LEU B 31 -10.95 -5.09 8.71
CA LEU B 31 -10.45 -5.56 7.42
C LEU B 31 -11.49 -6.37 6.64
N THR B 32 -12.72 -6.44 7.10
CA THR B 32 -13.64 -7.46 6.61
C THR B 32 -14.81 -6.90 5.81
N PHE B 33 -14.91 -5.59 5.67
CA PHE B 33 -16.07 -5.00 5.00
C PHE B 33 -15.77 -4.28 3.71
N VAL B 34 -14.56 -3.75 3.53
CA VAL B 34 -14.20 -3.00 2.33
C VAL B 34 -12.92 -3.55 1.74
N LYS B 35 -12.74 -3.33 0.44
CA LYS B 35 -11.56 -3.85 -0.24
C LYS B 35 -10.29 -3.12 0.15
N ASP B 36 -10.39 -1.83 0.47
CA ASP B 36 -9.22 -0.99 0.72
C ASP B 36 -9.36 -0.32 2.09
N PRO B 37 -9.26 -1.10 3.17
CA PRO B 37 -9.46 -0.53 4.50
C PRO B 37 -8.36 0.46 4.85
N GLN B 38 -8.78 1.61 5.37
CA GLN B 38 -7.88 2.73 5.66
C GLN B 38 -8.24 3.37 6.98
N LEU B 39 -7.30 4.15 7.50
CA LEU B 39 -7.50 5.06 8.61
C LEU B 39 -7.32 6.47 8.06
N GLU B 40 -8.22 7.39 8.43
CA GLU B 40 -8.09 8.77 7.98
C GLU B 40 -8.17 9.70 9.18
N VAL B 41 -7.22 10.61 9.28
CA VAL B 41 -7.17 11.59 10.35
C VAL B 41 -7.02 12.96 9.69
N ASN B 42 -7.92 13.89 10.01
CA ASN B 42 -7.87 15.24 9.46
C ASN B 42 -7.75 16.25 10.59
N PHE B 43 -6.83 17.20 10.43
CA PHE B 43 -6.74 18.38 11.29
C PHE B 43 -7.39 19.55 10.54
N TYR B 44 -8.48 20.09 11.08
CA TYR B 44 -9.21 21.20 10.47
C TYR B 44 -8.84 22.52 11.13
N THR B 45 -8.87 23.61 10.34
CA THR B 45 -8.56 24.95 10.85
C THR B 45 -9.79 25.70 11.35
N GLY B 46 -10.95 25.06 11.38
CA GLY B 46 -12.14 25.64 11.98
C GLY B 46 -13.12 24.52 12.22
N MET B 47 -14.29 24.88 12.74
CA MET B 47 -15.27 23.93 13.21
C MET B 47 -16.28 23.50 12.14
N ASP B 48 -16.22 24.05 10.94
CA ASP B 48 -17.21 23.79 9.90
C ASP B 48 -16.82 22.61 9.02
N GLU B 49 -17.83 22.03 8.37
CA GLU B 49 -17.59 20.98 7.39
C GLU B 49 -16.74 21.49 6.23
N ASP B 50 -16.90 22.76 5.87
CA ASP B 50 -16.19 23.36 4.75
C ASP B 50 -14.81 23.89 5.13
N SER B 51 -14.36 23.72 6.38
CA SER B 51 -13.13 24.35 6.84
C SER B 51 -11.92 23.79 6.10
N ASP B 52 -10.84 24.54 6.08
CA ASP B 52 -9.62 24.02 5.48
C ASP B 52 -9.06 22.89 6.33
N ILE B 53 -8.32 21.98 5.70
CA ILE B 53 -7.65 20.89 6.38
C ILE B 53 -6.16 21.19 6.33
N ALA B 54 -5.55 21.42 7.50
CA ALA B 54 -4.14 21.73 7.58
C ALA B 54 -3.26 20.49 7.38
N PHE B 55 -3.79 19.30 7.68
CA PHE B 55 -2.99 18.09 7.69
C PHE B 55 -3.95 16.92 7.65
N GLN B 56 -3.76 16.08 6.66
CA GLN B 56 -4.53 14.84 6.56
C GLN B 56 -3.54 13.69 6.58
N PHE B 57 -3.80 12.68 7.39
CA PHE B 57 -2.99 11.49 7.41
C PHE B 57 -3.89 10.33 7.01
N ARG B 58 -3.51 9.61 5.97
CA ARG B 58 -4.31 8.50 5.48
C ARG B 58 -3.40 7.29 5.35
N LEU B 59 -3.77 6.20 6.01
CA LEU B 59 -2.95 5.00 6.04
C LEU B 59 -3.77 3.83 5.51
N HIS B 60 -3.19 3.09 4.56
CA HIS B 60 -3.84 1.91 4.03
C HIS B 60 -3.39 0.70 4.82
N PHE B 61 -4.34 -0.11 5.28
CA PHE B 61 -3.93 -1.28 6.03
C PHE B 61 -3.47 -2.43 5.15
N GLY B 62 -3.73 -2.37 3.84
CA GLY B 62 -3.34 -3.42 2.93
C GLY B 62 -2.05 -3.10 2.18
N HIS B 63 -1.60 -4.09 1.41
CA HIS B 63 -0.47 -3.89 0.51
C HIS B 63 -1.00 -3.69 -0.90
N PRO B 64 -0.74 -2.54 -1.52
CA PRO B 64 -1.25 -2.33 -2.87
C PRO B 64 -0.54 -3.24 -3.86
N ALA B 65 -1.33 -3.81 -4.78
CA ALA B 65 -0.86 -4.59 -5.90
C ALA B 65 -1.42 -3.98 -7.18
N ILE B 66 -0.56 -3.84 -8.19
CA ILE B 66 -0.92 -3.13 -9.40
C ILE B 66 -0.62 -4.02 -10.60
N MET B 67 -1.58 -4.14 -11.51
CA MET B 67 -1.44 -4.98 -12.68
C MET B 67 -1.73 -4.16 -13.93
N ASN B 68 -1.13 -4.56 -15.04
CA ASN B 68 -1.23 -3.78 -16.28
C ASN B 68 -0.64 -4.60 -17.43
N SER B 69 -0.75 -4.04 -18.63
CA SER B 69 -0.14 -4.57 -19.83
C SER B 69 0.57 -3.43 -20.56
N CYS B 70 1.53 -3.79 -21.39
CA CYS B 70 2.31 -2.82 -22.14
C CYS B 70 2.29 -3.28 -23.59
N VAL B 71 1.60 -2.51 -24.44
CA VAL B 71 1.34 -2.86 -25.82
C VAL B 71 1.81 -1.71 -26.69
N PHE B 72 2.63 -2.02 -27.69
CA PHE B 72 3.22 -1.02 -28.58
C PHE B 72 4.07 -0.02 -27.81
N GLY B 73 4.67 -0.47 -26.70
CA GLY B 73 5.47 0.39 -25.87
C GLY B 73 4.71 1.24 -24.89
N ILE B 74 3.39 1.12 -24.83
CA ILE B 74 2.53 1.98 -24.02
C ILE B 74 1.87 1.14 -22.93
N TRP B 75 2.02 1.56 -21.68
CA TRP B 75 1.28 0.93 -20.60
C TRP B 75 -0.20 1.29 -20.72
N ARG B 76 -1.04 0.37 -20.30
CA ARG B 76 -2.45 0.55 -20.59
C ARG B 76 -3.25 0.82 -19.32
N TYR B 77 -4.45 0.29 -19.21
CA TYR B 77 -5.29 0.58 -18.05
C TYR B 77 -4.77 -0.17 -16.82
N GLU B 78 -4.35 0.57 -15.81
CA GLU B 78 -3.85 -0.03 -14.59
C GLU B 78 -5.01 -0.57 -13.76
N GLU B 79 -4.87 -1.81 -13.27
CA GLU B 79 -5.84 -2.45 -12.38
C GLU B 79 -5.18 -2.63 -11.02
N LYS B 80 -5.88 -2.22 -9.97
CA LYS B 80 -5.30 -2.13 -8.63
C LYS B 80 -6.15 -2.90 -7.63
N CYS B 81 -5.48 -3.55 -6.67
CA CYS B 81 -6.15 -4.21 -5.56
C CYS B 81 -5.24 -4.13 -4.35
N TYR B 82 -5.70 -4.67 -3.22
CA TYR B 82 -4.99 -4.60 -1.96
C TYR B 82 -4.94 -5.98 -1.33
N TYR B 83 -3.74 -6.49 -1.11
CA TYR B 83 -3.54 -7.73 -0.38
C TYR B 83 -3.67 -7.46 1.12
N LEU B 84 -4.61 -8.13 1.77
CA LEU B 84 -4.82 -8.04 3.20
C LEU B 84 -4.43 -9.36 3.84
N PRO B 85 -3.27 -9.48 4.45
CA PRO B 85 -2.88 -10.75 5.08
C PRO B 85 -3.45 -10.85 6.48
N PHE B 86 -3.34 -12.07 7.03
CA PHE B 86 -3.44 -12.32 8.47
C PHE B 86 -4.80 -11.99 9.08
N GLY B 89 -6.79 -7.54 12.18
CA GLY B 89 -5.68 -6.60 12.10
C GLY B 89 -5.06 -6.42 13.47
N LYS B 90 -3.78 -6.13 13.49
CA LYS B 90 -3.14 -5.89 14.78
C LYS B 90 -3.47 -4.46 15.23
N PRO B 91 -3.73 -4.26 16.53
CA PRO B 91 -3.95 -2.90 17.02
C PRO B 91 -2.75 -2.01 16.74
N PHE B 92 -3.03 -0.72 16.55
CA PHE B 92 -2.03 0.27 16.19
C PHE B 92 -2.05 1.43 17.18
N GLU B 93 -0.92 2.12 17.27
CA GLU B 93 -0.85 3.42 17.91
C GLU B 93 -0.31 4.43 16.90
N LEU B 94 -1.08 5.47 16.66
CA LEU B 94 -0.62 6.59 15.81
C LEU B 94 -0.39 7.77 16.76
N CYS B 95 0.79 8.34 16.70
CA CYS B 95 1.18 9.55 17.46
C CYS B 95 1.64 10.59 16.46
N ILE B 96 0.97 11.71 16.47
CA ILE B 96 1.36 12.84 15.60
C ILE B 96 1.91 13.87 16.58
N TYR B 97 3.21 14.03 16.54
CA TYR B 97 3.97 14.86 17.45
C TYR B 97 4.15 16.23 16.82
N VAL B 98 3.72 17.28 17.51
CA VAL B 98 3.74 18.64 16.97
C VAL B 98 5.07 19.28 17.34
N ARG B 99 5.90 19.58 16.35
CA ARG B 99 7.14 20.32 16.56
C ARG B 99 7.05 21.71 15.93
N HIS B 100 8.06 22.54 16.22
CA HIS B 100 8.08 23.92 15.71
C HIS B 100 7.84 23.97 14.19
N LYS B 101 8.48 23.08 13.44
CA LYS B 101 8.43 23.19 11.98
C LYS B 101 7.66 22.08 11.30
N GLU B 102 7.25 21.03 12.02
CA GLU B 102 6.67 19.89 11.32
C GLU B 102 5.86 19.07 12.30
N TYR B 103 5.03 18.19 11.75
CA TYR B 103 4.48 17.06 12.48
C TYR B 103 5.41 15.86 12.29
N LYS B 104 5.74 15.18 13.39
CA LYS B 104 6.46 13.91 13.32
C LYS B 104 5.43 12.79 13.48
N VAL B 105 5.29 11.99 12.43
CA VAL B 105 4.27 10.95 12.38
C VAL B 105 4.88 9.64 12.84
N MET B 106 4.25 9.04 13.84
CA MET B 106 4.73 7.83 14.49
C MET B 106 3.66 6.76 14.43
N VAL B 107 4.00 5.58 13.89
CA VAL B 107 3.14 4.42 13.91
C VAL B 107 3.82 3.36 14.77
N ASN B 108 3.13 2.92 15.82
CA ASN B 108 3.63 1.85 16.68
C ASN B 108 5.03 2.16 17.22
N GLY B 109 5.26 3.43 17.56
CA GLY B 109 6.54 3.89 18.05
C GLY B 109 7.58 4.16 16.98
N GLN B 110 7.28 3.89 15.72
CA GLN B 110 8.24 4.12 14.64
C GLN B 110 7.92 5.43 13.94
N ARG B 111 8.90 6.34 13.93
CA ARG B 111 8.76 7.56 13.15
C ARG B 111 8.80 7.22 11.67
N ILE B 112 7.72 7.55 10.94
CA ILE B 112 7.66 7.25 9.52
C ILE B 112 7.74 8.48 8.63
N TYR B 113 7.59 9.67 9.18
CA TYR B 113 7.55 10.81 8.27
C TYR B 113 7.58 12.09 9.07
N ASN B 114 8.19 13.13 8.48
CA ASN B 114 8.17 14.49 8.99
C ASN B 114 7.44 15.36 7.97
N PHE B 115 6.25 15.84 8.34
CA PHE B 115 5.41 16.64 7.46
C PHE B 115 5.57 18.11 7.84
N ALA B 116 6.15 18.91 6.95
CA ALA B 116 6.35 20.33 7.21
C ALA B 116 5.02 21.05 7.37
N HIS B 117 4.90 21.90 8.39
CA HIS B 117 3.68 22.66 8.60
C HIS B 117 3.34 23.45 7.33
N ARG B 118 2.07 23.42 6.94
CA ARG B 118 1.56 24.27 5.86
C ARG B 118 0.68 25.38 6.39
N PHE B 119 0.16 25.22 7.61
CA PHE B 119 -0.53 26.20 8.44
C PHE B 119 0.19 26.23 9.78
N PRO B 120 0.12 27.33 10.51
CA PRO B 120 0.58 27.30 11.91
C PRO B 120 -0.22 26.29 12.71
N PRO B 121 0.44 25.44 13.49
CA PRO B 121 -0.32 24.42 14.25
C PRO B 121 -1.30 25.03 15.24
N ALA B 122 -1.12 26.30 15.63
CA ALA B 122 -2.16 26.97 16.40
C ALA B 122 -3.43 27.17 15.59
N SER B 123 -3.36 27.07 14.26
CA SER B 123 -4.55 27.20 13.42
C SER B 123 -5.50 26.01 13.53
N VAL B 124 -5.02 24.86 14.01
CA VAL B 124 -5.85 23.66 14.05
C VAL B 124 -6.84 23.80 15.19
N LYS B 125 -8.12 23.56 14.89
CA LYS B 125 -9.22 23.71 15.82
C LYS B 125 -10.00 22.44 16.05
N MET B 126 -9.88 21.46 15.17
CA MET B 126 -10.74 20.29 15.25
C MET B 126 -10.03 19.11 14.62
N LEU B 127 -10.17 17.96 15.28
CA LEU B 127 -9.64 16.68 14.84
C LEU B 127 -10.80 15.80 14.41
N GLN B 128 -10.62 15.08 13.31
CA GLN B 128 -11.58 14.10 12.84
C GLN B 128 -10.87 12.80 12.52
N VAL B 129 -11.43 11.68 12.98
CA VAL B 129 -10.84 10.36 12.81
C VAL B 129 -11.95 9.43 12.33
N PHE B 130 -11.75 8.76 11.20
CA PHE B 130 -12.82 7.91 10.67
C PHE B 130 -12.24 6.90 9.66
N ARG B 131 -13.16 6.18 9.00
CA ARG B 131 -12.94 5.01 8.14
C ARG B 131 -12.80 3.73 8.96
N ASP B 132 -11.95 2.80 8.53
CA ASP B 132 -12.15 1.38 8.81
C ASP B 132 -11.37 0.93 10.06
N ILE B 133 -11.76 1.48 11.21
CA ILE B 133 -11.09 1.19 12.46
C ILE B 133 -12.11 1.08 13.57
N SER B 134 -11.80 0.22 14.52
CA SER B 134 -12.44 0.23 15.82
C SER B 134 -11.54 1.08 16.72
N LEU B 135 -12.05 2.22 17.17
CA LEU B 135 -11.27 3.24 17.85
C LEU B 135 -11.27 3.01 19.36
N THR B 136 -10.08 2.94 19.94
CA THR B 136 -9.92 2.68 21.36
C THR B 136 -9.65 3.95 22.17
N ARG B 137 -8.67 4.75 21.80
CA ARG B 137 -8.41 6.01 22.50
C ARG B 137 -8.11 7.09 21.48
N VAL B 138 -8.60 8.31 21.75
CA VAL B 138 -8.15 9.53 21.09
C VAL B 138 -7.84 10.55 22.17
N LEU B 139 -6.59 10.97 22.26
CA LEU B 139 -6.25 11.96 23.26
C LEU B 139 -5.10 12.83 22.79
N ILE B 140 -5.00 14.00 23.40
CA ILE B 140 -3.92 14.95 23.18
C ILE B 140 -3.15 15.03 24.48
N SER B 141 -1.84 14.82 24.42
CA SER B 141 -1.01 14.89 25.61
C SER B 141 0.14 15.85 25.34
N ASP B 142 0.55 16.59 26.38
CA ASP B 142 1.50 17.69 26.23
C ASP B 142 2.90 17.34 26.75
C2 BGC C . 2.79 6.10 -15.34
C3 BGC C . 3.34 4.72 -15.36
C4 BGC C . 4.57 4.46 -16.12
C5 BGC C . 5.07 5.46 -17.11
C6 BGC C . 4.57 5.12 -18.53
C1 BGC C . 3.39 7.21 -16.28
O1 BGC C . 2.57 7.53 -17.23
O2 BGC C . 2.57 6.59 -14.01
O3 BGC C . 2.30 3.76 -15.83
O4 BGC C . 5.63 3.84 -15.27
O5 BGC C . 4.81 6.88 -16.78
O6 BGC C . 3.15 5.22 -18.61
C1 GAL C . 5.34 2.47 -15.33
C2 GAL C . 6.54 1.55 -15.03
C3 GAL C . 6.13 0.14 -15.29
C4 GAL C . 4.84 -0.22 -14.66
C5 GAL C . 3.71 0.78 -14.85
C6 GAL C . 2.60 0.44 -13.92
O2 GAL C . 7.63 1.90 -15.90
O3 GAL C . 7.17 -0.83 -14.81
O4 GAL C . 5.03 -0.49 -13.26
O5 GAL C . 4.19 2.14 -14.49
O6 GAL C . 1.50 0.03 -14.64
C1 GLC D . -5.67 10.05 -6.74
C2 GLC D . -5.05 9.57 -5.40
C3 GLC D . -5.73 9.93 -4.15
C4 GLC D . -6.53 11.16 -4.15
C5 GLC D . -7.04 11.64 -5.46
C6 GLC D . -6.19 12.80 -5.99
O1 GLC D . -5.74 9.07 -7.58
O2 GLC D . -4.72 8.18 -5.44
O3 GLC D . -4.74 9.96 -3.03
O4 GLC D . -7.72 10.93 -3.31
O5 GLC D . -7.09 10.57 -6.45
O6 GLC D . -7.03 13.64 -6.77
C1 GAL D . -7.88 12.10 -2.61
C2 GAL D . -9.04 11.91 -1.63
C3 GAL D . -9.18 13.09 -0.76
C4 GAL D . -7.91 13.25 -0.02
C5 GAL D . -6.73 13.48 -0.96
C6 GAL D . -5.48 13.53 -0.15
O2 GAL D . -10.27 11.65 -2.31
O3 GAL D . -10.27 12.81 0.18
O4 GAL D . -7.66 12.05 0.72
O5 GAL D . -6.61 12.37 -1.94
O6 GAL D . -4.39 13.50 -1.01
#